data_9CEW
#
_entry.id   9CEW
#
_cell.length_a   1.00
_cell.length_b   1.00
_cell.length_c   1.00
_cell.angle_alpha   90.00
_cell.angle_beta   90.00
_cell.angle_gamma   90.00
#
_symmetry.space_group_name_H-M   'P 1'
#
loop_
_entity.id
_entity.type
_entity.pdbx_description
1 polymer "DNA (5'-D(P*CP*GP*GP*TP*AP*CP*CP*CP*GP*GP*GP*CP*AP*TP*A)-3')"
2 polymer 'Maltose/maltodextrin-binding periplasmic protein,Spizellomyces punctatus Fanzor 1'
3 polymer 'DNA (29-MER)'
4 polymer 'RNA (76-MER)'
5 polymer "DNA (5'-D(P*AP*AP*AP*AP*AP*AP*AP*AP*AP*AP*AP*AP*AP*AP*AP*AP*AP*AP*AP*AP*AP*AP*A)-3')"
6 polymer "DNA (5'-D(P*TP*TP*TP*TP*TP*TP*TP*TP*TP*TP*TP*TP*TP*TP*TP*TP*TP*TP*TP*TP*TP*TP*T)-3')"
7 non-polymer 'MAGNESIUM ION'
8 non-polymer 'ZINC ION'
#
loop_
_entity_poly.entity_id
_entity_poly.type
_entity_poly.pdbx_seq_one_letter_code
_entity_poly.pdbx_strand_id
1 'polydeoxyribonucleotide'
;(DA)(DT)(DT)(DC)(DG)(DA)(DG)(DC)(DT)(DC)(DG)(DG)(DT)(DA)(DC)(DC)(DC)(DG)(DG)(DG)
(DC)(DA)(DT)(DA)(DT)(DC)(DT)(DA)(DT)(DA)(DG)(DG)(DT)(DT)(DA)(DT)(DG)(DA)(DA)(DA)
(DT)(DC)(DA)(DA)(DA)(DT)(DT)(DA)(DC)(DA)(DA)(DA)(DT)(DA)
;
N
2 'polypeptide(L)'
;MKSSHHHHHHHHHHGSSMKIEEGKLVIWINGDKGYNGLAEVGKKFEKDTGIKVTVEHPDKLEEKFPQVAATGDGPDIIFW
AHDRFGGYAQSGLLAEITPDKAFQDKLYPFTWDAVRYNGKLIAYPIAVEALSLIYNKDLLPNPPKTWEEIPALDKELKAK
GKSALMFNLQEPYFTWPLIAADGGYAFKYENGKYDIKDVGVDNAGAKAGLTFLVDLIKNKHMNADTDYSIAEAAFNKGET
AMTINGPWAWSNIDTSKVNYGVTVLPTFKGQPSKPFVGVLSAGINAASPNKELAKEFLENYLLTDEGLEAVNKDKPLGAV
ALKSYEEELAKDPRIAATMENAQKGEIMPNIPQMSAFWYAVRTAVINAASGRQTVDEALKDAQTGSENLYFQSNAPPKKK
QKLERLKKLDKPTLHTCNKTSFAKAFLPNETYRQRLLDYIAIIHQLADHASHALKFYILSTSTSSFPVVHEDTIEAILYL
LNKGEAWHPRKEAKKAWRDCLLPYVQRYCQIVGFIHPNLRGEQQSINYLTVSMMTNLKVNVQEHFMQMLLRYINLRFDVK
GQKQRLPPKSDARKAFFTRLRYLKSVFLFDVVPELEFLDDLTPLESEVLEEIWSLDLPFLPNDPLAYAIVADPMSFFPAY
CKLSGLYEQYGFQRFSAIPLRRSLIQSHVRIDTIILYQHILCITRRDAETVEKDDLWMRVCNLCTKAFRSRCGMHFEGSI
TTDGASVSVYLKHPEADKYGKRGARKSANTVAAEVKALYVENNLPACRAAENVVVIDPNKRDILYCQDSNGTTFRYTANQ
RAVETGSRRFAKRREAMKEEAGVDLIESRIPSHKTMNLMDFTRYLLVRRADWDRRKEFYSHPAHTRWKWHSFINRQKSES
DLISNMRNKYGENFTVVMGDWSDAGRTARFQTSSKTKGWRTLFKRNRIDCFLLDEYKTSSVCPRCSSSEFVEKKFKTRPH
SRPWRRREGKIEKVHGLLGCTNPNCLQQAWTSGMRYWNRDMLSTCNMLLIVRSMLDGHGRPEVFSRSVPAVA
;
P
3 'polydeoxyribonucleotide'
;(DT)(DA)(DT)(DT)(DT)(DG)(DT)(DA)(DA)(DT)(DT)(DT)(DG)(DA)(DT)(DT)(DT)(DC)(DA)(DT)
(DA)(DA)(DC)(DC)(DT)(DA)(DT)(DA)(DG)(DA)(DT)(DA)(DT)(DG)(DC)(DC)(DC)(DG)(DG)(DG)
(DT)(DA)(DC)(DC)(DG)(DA)(DG)(DC)(DT)(DC)(DG)(DA)(DA)(DT)
;
T
4 'polyribonucleotide'
;GUUUUCCGAGCCGGUUGUCGCGCGGUUCAAUCCCUGGUGCGGGUGCUAGUGCCAAUACCCACCGGCUCCGCACUAUCUAU
AGGUUAUGAAAUCAAA
;
W
5 'polydeoxyribonucleotide'
;(DA)(DA)(DA)(DA)(DA)(DA)(DA)(DA)(DA)(DA)(DA)(DA)(DA)(DA)(DA)(DA)(DA)(DA)(DA)(DA)
(DA)(DA)(DA)
;
X
6 'polydeoxyribonucleotide'
;(DT)(DT)(DT)(DT)(DT)(DT)(DT)(DT)(DT)(DT)(DT)(DT)(DT)(DT)(DT)(DT)(DT)(DT)(DT)(DT)
(DT)(DT)(DT)
;
Y
#
# COMPACT_ATOMS: atom_id res chain seq x y z
N PRO B 412 -5.68 -14.24 11.38
CA PRO B 412 -6.39 -14.18 12.66
C PRO B 412 -5.61 -13.42 13.73
N THR B 413 -6.20 -13.30 14.92
CA THR B 413 -5.59 -12.54 16.01
C THR B 413 -4.59 -13.43 16.77
N LEU B 414 -3.50 -13.73 16.08
CA LEU B 414 -2.40 -14.51 16.66
C LEU B 414 -1.16 -13.69 16.92
N HIS B 415 -1.04 -12.49 16.35
CA HIS B 415 0.11 -11.64 16.55
C HIS B 415 -0.34 -10.19 16.70
N THR B 416 0.44 -9.42 17.45
CA THR B 416 0.18 -7.99 17.61
C THR B 416 1.51 -7.32 17.95
N CYS B 417 1.54 -6.00 17.76
CA CYS B 417 2.75 -5.22 17.95
C CYS B 417 2.47 -3.96 18.75
N ASN B 418 3.49 -3.50 19.47
CA ASN B 418 3.43 -2.26 20.23
C ASN B 418 4.71 -1.49 19.98
N LYS B 419 4.61 -0.39 19.24
CA LYS B 419 5.79 0.39 18.90
C LYS B 419 6.22 1.29 20.06
N THR B 420 7.53 1.45 20.22
CA THR B 420 8.08 2.30 21.25
C THR B 420 9.42 2.85 20.77
N SER B 421 9.87 3.91 21.43
CA SER B 421 11.09 4.58 21.02
C SER B 421 12.32 3.74 21.35
N PHE B 422 13.41 4.03 20.64
CA PHE B 422 14.67 3.31 20.86
C PHE B 422 15.19 3.53 22.28
N ALA B 423 15.12 4.76 22.76
CA ALA B 423 15.65 5.06 24.09
C ALA B 423 14.93 4.29 25.17
N LYS B 424 13.59 4.24 25.11
CA LYS B 424 12.83 3.54 26.13
C LYS B 424 12.98 2.02 25.99
N ALA B 425 12.99 1.51 24.76
CA ALA B 425 13.02 0.07 24.55
C ALA B 425 14.29 -0.54 25.12
N PHE B 426 15.44 0.09 24.89
CA PHE B 426 16.73 -0.46 25.28
C PHE B 426 17.27 0.26 26.51
N LEU B 427 18.02 -0.49 27.32
CA LEU B 427 18.63 0.08 28.52
C LEU B 427 19.70 1.10 28.13
N PRO B 428 19.99 2.05 29.02
CA PRO B 428 21.01 3.06 28.69
C PRO B 428 22.43 2.50 28.71
N ASN B 429 22.69 1.54 27.83
CA ASN B 429 24.01 0.92 27.71
C ASN B 429 24.61 1.32 26.37
N GLU B 430 25.71 2.08 26.41
CA GLU B 430 26.32 2.57 25.19
C GLU B 430 26.81 1.41 24.31
N THR B 431 27.43 0.40 24.93
CA THR B 431 27.98 -0.70 24.15
C THR B 431 26.87 -1.45 23.42
N TYR B 432 25.81 -1.84 24.13
CA TYR B 432 24.74 -2.59 23.49
C TYR B 432 24.03 -1.75 22.42
N ARG B 433 23.77 -0.48 22.72
CA ARG B 433 23.09 0.37 21.74
C ARG B 433 23.94 0.55 20.49
N GLN B 434 25.25 0.75 20.67
CA GLN B 434 26.13 0.92 19.51
C GLN B 434 26.13 -0.33 18.64
N ARG B 435 26.18 -1.51 19.26
CA ARG B 435 26.13 -2.75 18.50
C ARG B 435 24.84 -2.88 17.73
N LEU B 436 23.71 -2.51 18.35
CA LEU B 436 22.43 -2.58 17.66
C LEU B 436 22.43 -1.71 16.41
N LEU B 437 22.91 -0.47 16.53
CA LEU B 437 22.94 0.43 15.38
C LEU B 437 23.86 -0.11 14.29
N ASP B 438 25.04 -0.60 14.68
CA ASP B 438 25.98 -1.14 13.70
C ASP B 438 25.42 -2.37 13.01
N TYR B 439 24.79 -3.26 13.77
CA TYR B 439 24.30 -4.51 13.19
C TYR B 439 23.21 -4.25 12.16
N ILE B 440 22.24 -3.39 12.49
CA ILE B 440 21.14 -3.12 11.57
C ILE B 440 21.66 -2.45 10.31
N ALA B 441 22.68 -1.60 10.44
CA ALA B 441 23.24 -0.95 9.26
C ALA B 441 23.82 -1.98 8.29
N ILE B 442 24.54 -2.97 8.81
CA ILE B 442 25.11 -3.99 7.94
C ILE B 442 24.00 -4.80 7.29
N ILE B 443 22.98 -5.19 8.06
CA ILE B 443 21.87 -5.96 7.49
C ILE B 443 21.13 -5.11 6.46
N HIS B 444 21.00 -3.81 6.71
CA HIS B 444 20.35 -2.93 5.75
C HIS B 444 21.09 -2.92 4.43
N GLN B 445 22.42 -2.85 4.47
CA GLN B 445 23.20 -2.87 3.23
C GLN B 445 23.05 -4.19 2.50
N LEU B 446 23.06 -5.30 3.22
CA LEU B 446 22.90 -6.61 2.59
C LEU B 446 21.55 -6.71 1.89
N ALA B 447 20.48 -6.27 2.55
CA ALA B 447 19.16 -6.30 1.94
C ALA B 447 19.10 -5.38 0.73
N ASP B 448 19.70 -4.19 0.83
CA ASP B 448 19.65 -3.23 -0.27
C ASP B 448 20.34 -3.81 -1.50
N HIS B 449 21.55 -4.33 -1.34
CA HIS B 449 22.28 -4.85 -2.49
C HIS B 449 21.72 -6.19 -2.95
N ALA B 450 21.17 -6.99 -2.03
CA ALA B 450 20.61 -8.28 -2.41
C ALA B 450 19.45 -8.10 -3.39
N SER B 451 18.56 -7.14 -3.12
CA SER B 451 17.45 -6.90 -4.04
C SER B 451 17.94 -6.45 -5.41
N HIS B 452 18.91 -5.54 -5.44
CA HIS B 452 19.49 -5.13 -6.71
C HIS B 452 20.24 -6.27 -7.37
N ALA B 453 20.97 -7.07 -6.58
CA ALA B 453 21.69 -8.20 -7.13
C ALA B 453 20.73 -9.21 -7.75
N LEU B 454 19.60 -9.46 -7.10
CA LEU B 454 18.63 -10.40 -7.65
C LEU B 454 18.13 -9.92 -9.01
N LYS B 455 17.78 -8.65 -9.12
CA LYS B 455 17.34 -8.11 -10.40
C LYS B 455 18.48 -8.14 -11.42
N PHE B 456 19.70 -7.83 -10.98
CA PHE B 456 20.84 -7.87 -11.89
C PHE B 456 21.03 -9.26 -12.49
N TYR B 457 20.91 -10.30 -11.66
CA TYR B 457 21.02 -11.66 -12.16
C TYR B 457 19.90 -11.98 -13.15
N ILE B 458 18.67 -11.58 -12.83
CA ILE B 458 17.54 -11.88 -13.69
C ILE B 458 17.72 -11.21 -15.05
N LEU B 459 18.12 -9.94 -15.06
CA LEU B 459 18.33 -9.22 -16.31
C LEU B 459 19.47 -9.80 -17.13
N SER B 460 20.39 -10.53 -16.50
CA SER B 460 21.53 -11.09 -17.21
C SER B 460 21.22 -12.46 -17.81
N THR B 461 20.57 -13.34 -17.05
CA THR B 461 20.28 -14.69 -17.53
C THR B 461 19.02 -14.75 -18.37
N SER B 462 18.23 -13.68 -18.44
CA SER B 462 17.01 -13.69 -19.24
C SER B 462 17.31 -13.84 -20.74
N THR B 463 18.54 -13.56 -21.16
CA THR B 463 18.88 -13.65 -22.58
C THR B 463 18.85 -15.09 -23.08
N SER B 464 19.10 -16.05 -22.20
CA SER B 464 19.15 -17.46 -22.58
C SER B 464 17.97 -18.24 -22.00
N SER B 465 17.79 -18.21 -20.68
CA SER B 465 16.70 -18.92 -20.03
C SER B 465 16.35 -18.20 -18.75
N PHE B 466 15.06 -17.98 -18.52
CA PHE B 466 14.63 -17.24 -17.34
C PHE B 466 14.82 -18.10 -16.10
N PRO B 467 15.53 -17.63 -15.08
CA PRO B 467 15.75 -18.46 -13.90
C PRO B 467 14.46 -18.70 -13.12
N VAL B 468 14.40 -19.83 -12.44
CA VAL B 468 13.26 -20.18 -11.60
C VAL B 468 13.60 -19.67 -10.20
N VAL B 469 13.21 -18.41 -9.94
CA VAL B 469 13.54 -17.80 -8.66
C VAL B 469 12.84 -18.54 -7.53
N HIS B 470 13.59 -18.84 -6.48
CA HIS B 470 13.08 -19.56 -5.32
C HIS B 470 13.73 -18.99 -4.07
N GLU B 471 13.25 -19.44 -2.91
CA GLU B 471 13.81 -18.97 -1.65
C GLU B 471 15.31 -19.20 -1.60
N ASP B 472 15.78 -20.31 -2.18
CA ASP B 472 17.22 -20.58 -2.21
C ASP B 472 17.95 -19.51 -3.02
N THR B 473 17.34 -19.04 -4.11
CA THR B 473 18.00 -18.04 -4.94
C THR B 473 18.28 -16.77 -4.15
N ILE B 474 17.29 -16.30 -3.38
CA ILE B 474 17.49 -15.10 -2.58
C ILE B 474 18.48 -15.38 -1.45
N GLU B 475 18.36 -16.55 -0.81
CA GLU B 475 19.30 -16.90 0.26
C GLU B 475 20.73 -16.96 -0.24
N ALA B 476 20.94 -17.56 -1.42
CA ALA B 476 22.29 -17.65 -1.96
C ALA B 476 22.87 -16.27 -2.24
N ILE B 477 22.06 -15.37 -2.79
CA ILE B 477 22.54 -14.02 -3.08
C ILE B 477 22.99 -13.33 -1.79
N LEU B 478 22.18 -13.45 -0.73
CA LEU B 478 22.52 -12.80 0.53
C LEU B 478 23.82 -13.37 1.10
N TYR B 479 23.97 -14.70 1.09
CA TYR B 479 25.18 -15.31 1.61
C TYR B 479 26.40 -14.93 0.78
N LEU B 480 26.26 -14.90 -0.55
CA LEU B 480 27.40 -14.56 -1.39
C LEU B 480 27.85 -13.13 -1.13
N LEU B 481 26.91 -12.21 -0.93
CA LEU B 481 27.29 -10.83 -0.60
C LEU B 481 28.05 -10.76 0.70
N ASN B 482 27.63 -11.54 1.71
CA ASN B 482 28.27 -11.49 3.02
C ASN B 482 29.58 -12.26 3.02
N LYS B 483 29.53 -13.56 2.74
CA LYS B 483 30.72 -14.41 2.81
C LYS B 483 31.44 -14.54 1.47
N GLY B 484 30.70 -14.53 0.37
CA GLY B 484 31.31 -14.77 -0.93
C GLY B 484 31.62 -16.23 -1.15
N GLU B 485 32.81 -16.52 -1.69
CA GLU B 485 33.21 -17.90 -1.92
C GLU B 485 33.34 -18.68 -0.62
N ALA B 486 33.47 -17.99 0.53
CA ALA B 486 33.59 -18.66 1.81
C ALA B 486 32.31 -19.40 2.22
N TRP B 487 31.19 -19.14 1.55
CA TRP B 487 29.95 -19.84 1.85
C TRP B 487 30.03 -21.27 1.33
N HIS B 488 29.81 -22.24 2.21
CA HIS B 488 29.96 -23.66 1.90
C HIS B 488 28.70 -24.40 2.31
N PRO B 489 27.61 -24.23 1.58
CA PRO B 489 26.38 -24.95 1.90
C PRO B 489 26.55 -26.45 1.65
N ARG B 490 25.83 -27.24 2.44
CA ARG B 490 25.85 -28.69 2.31
C ARG B 490 24.71 -29.23 1.46
N LYS B 491 23.58 -28.54 1.42
CA LYS B 491 22.45 -29.01 0.62
C LYS B 491 22.79 -28.95 -0.87
N GLU B 492 22.38 -29.98 -1.60
CA GLU B 492 22.68 -30.03 -3.03
C GLU B 492 22.01 -28.88 -3.77
N ALA B 493 20.75 -28.59 -3.45
CA ALA B 493 20.03 -27.52 -4.14
C ALA B 493 20.71 -26.17 -3.93
N LYS B 494 21.09 -25.87 -2.69
CA LYS B 494 21.75 -24.60 -2.41
C LYS B 494 23.12 -24.52 -3.09
N LYS B 495 23.83 -25.64 -3.14
CA LYS B 495 25.14 -25.65 -3.78
C LYS B 495 25.04 -25.29 -5.26
N ALA B 496 24.00 -25.79 -5.93
CA ALA B 496 23.84 -25.49 -7.35
C ALA B 496 23.66 -23.99 -7.58
N TRP B 497 22.85 -23.33 -6.74
CA TRP B 497 22.65 -21.89 -6.88
C TRP B 497 23.94 -21.14 -6.58
N ARG B 498 24.74 -21.63 -5.63
CA ARG B 498 25.99 -20.96 -5.30
C ARG B 498 26.89 -20.85 -6.52
N ASP B 499 27.09 -21.95 -7.24
CA ASP B 499 27.94 -21.93 -8.42
C ASP B 499 27.35 -21.05 -9.51
N CYS B 500 26.03 -21.15 -9.74
CA CYS B 500 25.40 -20.37 -10.80
C CYS B 500 25.43 -18.87 -10.47
N LEU B 501 25.17 -18.51 -9.21
CA LEU B 501 25.05 -17.12 -8.82
C LEU B 501 26.39 -16.47 -8.47
N LEU B 502 27.41 -17.25 -8.12
CA LEU B 502 28.67 -16.67 -7.70
C LEU B 502 29.28 -15.77 -8.77
N PRO B 503 29.34 -16.17 -10.05
CA PRO B 503 29.91 -15.24 -11.04
C PRO B 503 29.18 -13.91 -11.11
N TYR B 504 27.86 -13.92 -10.98
CA TYR B 504 27.09 -12.67 -11.12
C TYR B 504 27.24 -11.78 -9.90
N VAL B 505 27.27 -12.37 -8.71
CA VAL B 505 27.42 -11.57 -7.49
C VAL B 505 28.75 -10.84 -7.50
N GLN B 506 29.83 -11.54 -7.87
CA GLN B 506 31.12 -10.89 -7.96
C GLN B 506 31.11 -9.77 -8.99
N ARG B 507 30.48 -10.01 -10.14
CA ARG B 507 30.36 -8.97 -11.15
C ARG B 507 29.54 -7.80 -10.62
N TYR B 508 28.46 -8.09 -9.89
CA TYR B 508 27.64 -7.02 -9.32
C TYR B 508 28.44 -6.18 -8.34
N CYS B 509 29.25 -6.83 -7.50
CA CYS B 509 30.03 -6.08 -6.52
C CYS B 509 31.03 -5.14 -7.19
N GLN B 510 31.66 -5.60 -8.28
CA GLN B 510 32.61 -4.74 -8.99
C GLN B 510 31.91 -3.50 -9.53
N ILE B 511 30.72 -3.67 -10.12
CA ILE B 511 29.99 -2.53 -10.66
C ILE B 511 29.61 -1.56 -9.56
N VAL B 512 29.12 -2.09 -8.43
CA VAL B 512 28.67 -1.24 -7.33
C VAL B 512 29.78 -0.95 -6.32
N GLY B 513 30.87 -1.73 -6.33
CA GLY B 513 31.95 -1.51 -5.39
C GLY B 513 31.68 -2.00 -3.99
N PHE B 514 30.61 -2.75 -3.77
CA PHE B 514 30.27 -3.22 -2.44
C PHE B 514 31.33 -4.19 -1.92
N ILE B 515 31.69 -4.03 -0.65
CA ILE B 515 32.70 -4.85 0.01
C ILE B 515 31.98 -5.83 0.93
N HIS B 516 32.41 -7.08 0.89
CA HIS B 516 31.76 -8.12 1.67
C HIS B 516 31.88 -7.82 3.16
N PRO B 517 30.77 -7.68 3.89
CA PRO B 517 30.87 -7.47 5.34
C PRO B 517 31.56 -8.60 6.07
N ASN B 518 31.40 -9.83 5.59
CA ASN B 518 31.92 -11.02 6.29
C ASN B 518 31.37 -11.10 7.70
N LEU B 519 30.10 -10.75 7.85
CA LEU B 519 29.45 -10.79 9.16
C LEU B 519 29.32 -12.23 9.63
N ARG B 520 29.56 -12.44 10.93
CA ARG B 520 29.46 -13.76 11.54
C ARG B 520 28.09 -13.94 12.17
N GLY B 521 27.61 -15.18 12.13
CA GLY B 521 26.33 -15.50 12.74
C GLY B 521 25.17 -14.74 12.12
N GLU B 522 25.14 -14.64 10.80
CA GLU B 522 24.08 -13.92 10.09
C GLU B 522 22.93 -14.82 9.67
N GLN B 523 22.96 -16.11 10.03
CA GLN B 523 21.95 -17.04 9.56
C GLN B 523 20.54 -16.52 9.79
N GLN B 524 20.28 -16.00 10.99
CA GLN B 524 18.95 -15.49 11.31
C GLN B 524 18.56 -14.34 10.39
N SER B 525 19.47 -13.39 10.19
CA SER B 525 19.16 -12.23 9.35
C SER B 525 18.87 -12.65 7.92
N ILE B 526 19.65 -13.59 7.38
CA ILE B 526 19.45 -14.03 6.00
C ILE B 526 18.08 -14.67 5.85
N ASN B 527 17.68 -15.50 6.81
CA ASN B 527 16.40 -16.19 6.71
C ASN B 527 15.23 -15.20 6.67
N TYR B 528 15.27 -14.20 7.55
CA TYR B 528 14.19 -13.20 7.56
C TYR B 528 14.16 -12.42 6.26
N LEU B 529 15.32 -11.98 5.78
CA LEU B 529 15.38 -11.24 4.53
C LEU B 529 14.96 -12.11 3.35
N THR B 530 15.41 -13.37 3.33
CA THR B 530 15.05 -14.27 2.25
C THR B 530 13.54 -14.48 2.19
N VAL B 531 12.93 -14.72 3.35
CA VAL B 531 11.48 -14.93 3.38
C VAL B 531 10.75 -13.65 3.02
N SER B 532 11.18 -12.52 3.59
CA SER B 532 10.51 -11.25 3.31
C SER B 532 10.62 -10.88 1.83
N MET B 533 11.83 -10.99 1.27
CA MET B 533 12.02 -10.65 -0.14
C MET B 533 11.24 -11.59 -1.05
N MET B 534 11.23 -12.88 -0.71
CA MET B 534 10.46 -13.83 -1.50
C MET B 534 8.97 -13.50 -1.43
N THR B 535 8.50 -13.07 -0.26
CA THR B 535 7.10 -12.65 -0.14
C THR B 535 6.81 -11.47 -1.07
N ASN B 536 7.76 -10.54 -1.20
CA ASN B 536 7.55 -9.40 -2.07
C ASN B 536 7.34 -9.84 -3.51
N LEU B 537 8.12 -10.82 -3.97
CA LEU B 537 7.95 -11.31 -5.34
C LEU B 537 6.56 -11.89 -5.55
N LYS B 538 6.07 -12.68 -4.59
CA LYS B 538 4.77 -13.31 -4.74
C LYS B 538 3.66 -12.26 -4.76
N VAL B 539 3.70 -11.32 -3.83
CA VAL B 539 2.60 -10.35 -3.71
C VAL B 539 2.56 -9.43 -4.92
N ASN B 540 3.72 -8.96 -5.37
CA ASN B 540 3.75 -8.03 -6.49
C ASN B 540 3.13 -8.64 -7.74
N VAL B 541 3.53 -9.87 -8.07
CA VAL B 541 2.97 -10.55 -9.23
C VAL B 541 1.51 -10.94 -8.97
N GLN B 542 1.21 -11.41 -7.77
CA GLN B 542 -0.12 -11.93 -7.47
C GLN B 542 -1.18 -10.85 -7.63
N GLU B 543 -0.93 -9.67 -7.07
CA GLU B 543 -1.95 -8.63 -6.99
C GLU B 543 -1.90 -7.64 -8.16
N HIS B 544 -0.95 -7.78 -9.09
CA HIS B 544 -0.82 -6.80 -10.16
C HIS B 544 -0.60 -7.40 -11.53
N PHE B 545 -0.43 -8.72 -11.68
CA PHE B 545 -0.22 -9.29 -13.00
C PHE B 545 -1.43 -9.05 -13.90
N MET B 546 -2.63 -9.30 -13.37
CA MET B 546 -3.84 -9.07 -14.16
C MET B 546 -4.02 -7.58 -14.46
N GLN B 547 -3.73 -6.72 -13.48
CA GLN B 547 -3.91 -5.29 -13.69
C GLN B 547 -3.04 -4.79 -14.84
N MET B 548 -1.76 -5.15 -14.84
CA MET B 548 -0.86 -4.67 -15.89
C MET B 548 -1.23 -5.27 -17.24
N LEU B 549 -1.57 -6.57 -17.26
CA LEU B 549 -1.92 -7.20 -18.53
C LEU B 549 -3.15 -6.55 -19.16
N LEU B 550 -4.18 -6.29 -18.36
CA LEU B 550 -5.35 -5.60 -18.88
C LEU B 550 -5.00 -4.18 -19.30
N ARG B 551 -4.16 -3.49 -18.53
CA ARG B 551 -3.71 -2.16 -18.92
C ARG B 551 -2.95 -2.21 -20.23
N TYR B 552 -2.13 -3.25 -20.42
CA TYR B 552 -1.38 -3.38 -21.67
C TYR B 552 -2.31 -3.45 -22.88
N ILE B 553 -3.40 -4.21 -22.76
CA ILE B 553 -4.35 -4.31 -23.86
C ILE B 553 -4.94 -2.95 -24.19
N ASN B 554 -5.36 -2.21 -23.16
CA ASN B 554 -5.97 -0.91 -23.40
C ASN B 554 -5.01 0.06 -24.05
N LEU B 555 -3.76 0.10 -23.58
CA LEU B 555 -2.79 1.04 -24.14
C LEU B 555 -2.48 0.71 -25.60
N ARG B 556 -2.29 -0.57 -25.92
CA ARG B 556 -1.95 -0.94 -27.28
C ARG B 556 -3.09 -0.60 -28.24
N PHE B 557 -4.33 -0.88 -27.85
CA PHE B 557 -5.48 -0.53 -28.67
C PHE B 557 -5.90 0.92 -28.51
N ASP B 558 -5.33 1.64 -27.54
CA ASP B 558 -5.66 3.04 -27.29
C ASP B 558 -7.17 3.19 -27.06
N VAL B 559 -7.67 2.49 -26.03
CA VAL B 559 -9.09 2.54 -25.72
C VAL B 559 -9.51 3.97 -25.39
N LYS B 560 -8.64 4.73 -24.72
CA LYS B 560 -8.94 6.12 -24.44
C LYS B 560 -9.12 6.90 -25.73
N GLY B 561 -8.25 6.67 -26.72
CA GLY B 561 -8.41 7.32 -28.01
C GLY B 561 -9.67 6.89 -28.73
N GLN B 562 -9.98 5.60 -28.69
CA GLN B 562 -11.19 5.10 -29.35
C GLN B 562 -12.44 5.70 -28.73
N LYS B 563 -12.47 5.82 -27.41
CA LYS B 563 -13.63 6.40 -26.74
C LYS B 563 -13.89 7.82 -27.23
N GLN B 564 -12.83 8.64 -27.32
CA GLN B 564 -12.99 10.00 -27.82
C GLN B 564 -13.31 10.01 -29.31
N ARG B 565 -12.60 9.18 -30.09
CA ARG B 565 -12.80 9.19 -31.53
C ARG B 565 -14.15 8.62 -31.92
N LEU B 566 -14.58 7.53 -31.26
CA LEU B 566 -15.83 6.87 -31.59
C LEU B 566 -16.94 7.41 -30.70
N PRO B 567 -18.02 7.98 -31.25
CA PRO B 567 -19.08 8.53 -30.40
C PRO B 567 -19.71 7.45 -29.53
N PRO B 568 -20.07 7.77 -28.30
CA PRO B 568 -20.67 6.76 -27.42
C PRO B 568 -22.13 6.52 -27.73
N LYS B 569 -22.63 5.40 -27.22
CA LYS B 569 -24.04 5.03 -27.34
C LYS B 569 -24.48 4.93 -28.79
N SER B 570 -23.57 4.53 -29.67
CA SER B 570 -23.86 4.34 -31.09
C SER B 570 -23.70 2.87 -31.45
N ASP B 571 -24.74 2.29 -32.04
CA ASP B 571 -24.70 0.87 -32.36
C ASP B 571 -23.56 0.54 -33.30
N ALA B 572 -23.20 1.47 -34.20
CA ALA B 572 -22.12 1.20 -35.14
C ALA B 572 -20.80 0.99 -34.41
N ARG B 573 -20.53 1.79 -33.38
CA ARG B 573 -19.27 1.72 -32.67
C ARG B 573 -19.25 0.66 -31.57
N LYS B 574 -20.37 0.00 -31.31
CA LYS B 574 -20.38 -1.10 -30.34
C LYS B 574 -19.58 -2.30 -30.81
N ALA B 575 -19.24 -2.37 -32.10
CA ALA B 575 -18.48 -3.51 -32.60
C ALA B 575 -17.11 -3.58 -31.95
N PHE B 576 -16.45 -2.44 -31.75
CA PHE B 576 -15.12 -2.44 -31.17
C PHE B 576 -15.13 -3.06 -29.77
N PHE B 577 -16.07 -2.64 -28.93
CA PHE B 577 -16.16 -3.21 -27.58
C PHE B 577 -16.52 -4.68 -27.64
N THR B 578 -17.45 -5.05 -28.52
CA THR B 578 -17.75 -6.47 -28.74
C THR B 578 -16.54 -7.20 -29.29
N ARG B 579 -15.82 -6.55 -30.22
CA ARG B 579 -14.58 -7.13 -30.73
C ARG B 579 -13.56 -7.32 -29.62
N LEU B 580 -13.48 -6.37 -28.70
CA LEU B 580 -12.51 -6.44 -27.62
C LEU B 580 -12.72 -7.69 -26.76
N ARG B 581 -13.98 -8.03 -26.47
CA ARG B 581 -14.25 -9.21 -25.67
C ARG B 581 -13.69 -10.47 -26.32
N TYR B 582 -13.93 -10.62 -27.63
CA TYR B 582 -13.39 -11.79 -28.33
C TYR B 582 -11.86 -11.78 -28.29
N LEU B 583 -11.25 -10.60 -28.50
CA LEU B 583 -9.80 -10.50 -28.43
C LEU B 583 -9.29 -10.82 -27.03
N LYS B 584 -9.94 -10.27 -26.00
CA LYS B 584 -9.50 -10.50 -24.63
C LYS B 584 -9.59 -11.98 -24.27
N SER B 585 -10.67 -12.64 -24.67
CA SER B 585 -10.83 -14.06 -24.34
C SER B 585 -9.71 -14.89 -24.96
N VAL B 586 -9.36 -14.61 -26.22
CA VAL B 586 -8.27 -15.33 -26.86
C VAL B 586 -6.95 -15.02 -26.19
N PHE B 587 -6.69 -13.73 -25.90
CA PHE B 587 -5.44 -13.36 -25.26
C PHE B 587 -5.31 -13.98 -23.87
N LEU B 588 -6.40 -14.00 -23.11
CA LEU B 588 -6.39 -14.55 -21.76
C LEU B 588 -6.58 -16.06 -21.73
N PHE B 589 -6.69 -16.70 -22.89
CA PHE B 589 -6.87 -18.14 -23.03
C PHE B 589 -8.21 -18.62 -22.49
N ASP B 590 -9.15 -17.71 -22.22
CA ASP B 590 -10.48 -18.11 -21.81
C ASP B 590 -11.19 -18.88 -22.92
N VAL B 591 -10.97 -18.49 -24.17
CA VAL B 591 -11.53 -19.17 -25.34
C VAL B 591 -10.38 -19.64 -26.21
N VAL B 592 -10.42 -20.90 -26.61
CA VAL B 592 -9.33 -21.46 -27.42
C VAL B 592 -9.28 -20.73 -28.76
N PRO B 593 -8.12 -20.23 -29.20
CA PRO B 593 -8.07 -19.58 -30.51
C PRO B 593 -8.38 -20.55 -31.64
N GLU B 594 -8.99 -20.04 -32.69
CA GLU B 594 -9.37 -20.83 -33.85
C GLU B 594 -9.02 -20.08 -35.13
N LEU B 595 -8.85 -20.84 -36.21
CA LEU B 595 -8.45 -20.25 -37.48
C LEU B 595 -9.50 -19.27 -37.99
N GLU B 596 -10.78 -19.59 -37.80
CA GLU B 596 -11.84 -18.77 -38.36
C GLU B 596 -11.77 -17.33 -37.85
N PHE B 597 -11.26 -17.12 -36.63
CA PHE B 597 -11.19 -15.79 -36.05
C PHE B 597 -9.84 -15.12 -36.24
N LEU B 598 -8.74 -15.88 -36.21
CA LEU B 598 -7.42 -15.27 -36.35
C LEU B 598 -7.23 -14.63 -37.72
N ASP B 599 -7.87 -15.18 -38.76
CA ASP B 599 -7.70 -14.63 -40.10
C ASP B 599 -8.25 -13.22 -40.22
N ASP B 600 -9.24 -12.87 -39.39
CA ASP B 600 -9.87 -11.56 -39.44
C ASP B 600 -9.17 -10.51 -38.58
N LEU B 601 -8.07 -10.87 -37.92
CA LEU B 601 -7.38 -9.94 -37.04
C LEU B 601 -6.72 -8.84 -37.86
N THR B 602 -6.92 -7.59 -37.45
CA THR B 602 -6.25 -6.47 -38.07
C THR B 602 -4.78 -6.46 -37.65
N PRO B 603 -3.91 -5.79 -38.41
CA PRO B 603 -2.47 -5.85 -38.07
C PRO B 603 -2.16 -5.43 -36.64
N LEU B 604 -2.87 -4.43 -36.11
CA LEU B 604 -2.65 -4.04 -34.71
C LEU B 604 -3.02 -5.18 -33.77
N GLU B 605 -4.16 -5.84 -34.01
CA GLU B 605 -4.56 -6.95 -33.17
C GLU B 605 -3.59 -8.13 -33.29
N SER B 606 -3.13 -8.42 -34.51
CA SER B 606 -2.22 -9.53 -34.70
C SER B 606 -0.92 -9.31 -33.93
N GLU B 607 -0.39 -8.08 -33.95
CA GLU B 607 0.83 -7.80 -33.21
C GLU B 607 0.63 -8.01 -31.71
N VAL B 608 -0.52 -7.58 -31.18
CA VAL B 608 -0.79 -7.78 -29.75
C VAL B 608 -0.89 -9.26 -29.43
N LEU B 609 -1.46 -10.05 -30.34
CA LEU B 609 -1.59 -11.48 -30.10
C LEU B 609 -0.21 -12.13 -29.94
N GLU B 610 0.74 -11.78 -30.80
CA GLU B 610 2.07 -12.38 -30.71
C GLU B 610 2.77 -11.97 -29.42
N GLU B 611 2.65 -10.70 -29.02
CA GLU B 611 3.36 -10.23 -27.84
C GLU B 611 2.88 -10.95 -26.59
N ILE B 612 1.57 -11.13 -26.45
CA ILE B 612 1.04 -11.85 -25.28
C ILE B 612 1.43 -13.32 -25.35
N TRP B 613 1.43 -13.91 -26.54
CA TRP B 613 1.85 -15.30 -26.68
C TRP B 613 3.30 -15.48 -26.25
N SER B 614 4.17 -14.52 -26.59
CA SER B 614 5.57 -14.61 -26.19
C SER B 614 5.71 -14.63 -24.67
N LEU B 615 4.76 -14.02 -23.95
CA LEU B 615 4.82 -14.03 -22.50
C LEU B 615 4.69 -15.44 -21.94
N ASP B 616 3.99 -16.33 -22.64
CA ASP B 616 3.82 -17.72 -22.22
C ASP B 616 3.16 -17.79 -20.84
N LEU B 617 1.94 -17.29 -20.78
CA LEU B 617 1.19 -17.27 -19.53
C LEU B 617 0.83 -18.68 -19.10
N PRO B 618 1.19 -19.11 -17.89
CA PRO B 618 0.64 -20.37 -17.37
C PRO B 618 -0.87 -20.29 -17.29
N PHE B 619 -1.53 -21.40 -17.63
CA PHE B 619 -3.00 -21.43 -17.69
C PHE B 619 -3.47 -22.80 -17.26
N LEU B 620 -4.17 -22.86 -16.13
CA LEU B 620 -4.77 -24.12 -15.68
C LEU B 620 -6.01 -24.39 -16.52
N PRO B 621 -6.09 -25.53 -17.23
CA PRO B 621 -7.25 -25.76 -18.10
C PRO B 621 -8.57 -25.79 -17.36
N ASN B 622 -8.58 -26.17 -16.08
CA ASN B 622 -9.81 -26.35 -15.33
C ASN B 622 -10.27 -25.10 -14.61
N ASP B 623 -9.47 -24.03 -14.60
CA ASP B 623 -9.80 -22.82 -13.88
C ASP B 623 -9.44 -21.61 -14.73
N PRO B 624 -10.06 -20.46 -14.48
CA PRO B 624 -9.73 -19.25 -15.23
C PRO B 624 -8.29 -18.82 -14.98
N LEU B 625 -7.87 -17.80 -15.74
CA LEU B 625 -6.52 -17.27 -15.58
C LEU B 625 -6.33 -16.64 -14.20
N ALA B 626 -7.36 -15.94 -13.70
CA ALA B 626 -7.24 -15.29 -12.40
C ALA B 626 -6.97 -16.30 -11.29
N TYR B 627 -7.67 -17.45 -11.33
CA TYR B 627 -7.45 -18.46 -10.32
C TYR B 627 -6.03 -18.99 -10.35
N ALA B 628 -5.46 -19.15 -11.55
CA ALA B 628 -4.10 -19.66 -11.67
C ALA B 628 -3.11 -18.72 -10.99
N ILE B 629 -3.29 -17.41 -11.14
CA ILE B 629 -2.39 -16.45 -10.53
C ILE B 629 -2.39 -16.60 -9.01
N VAL B 630 -3.59 -16.72 -8.43
CA VAL B 630 -3.69 -16.90 -6.98
C VAL B 630 -3.11 -18.26 -6.58
N ALA B 631 -3.40 -19.31 -7.35
CA ALA B 631 -2.94 -20.64 -6.99
C ALA B 631 -1.42 -20.73 -6.96
N ASP B 632 -0.76 -20.13 -7.96
CA ASP B 632 0.70 -20.17 -8.06
C ASP B 632 1.17 -18.87 -8.69
N PRO B 633 1.15 -17.77 -7.91
CA PRO B 633 1.56 -16.47 -8.49
C PRO B 633 3.00 -16.47 -9.00
N MET B 634 3.89 -17.22 -8.37
CA MET B 634 5.29 -17.21 -8.80
C MET B 634 5.47 -17.82 -10.19
N SER B 635 4.55 -18.68 -10.62
CA SER B 635 4.65 -19.24 -11.96
C SER B 635 4.50 -18.17 -13.04
N PHE B 636 3.81 -17.08 -12.72
CA PHE B 636 3.63 -15.98 -13.64
C PHE B 636 4.75 -14.95 -13.56
N PHE B 637 5.71 -15.14 -12.66
CA PHE B 637 6.80 -14.18 -12.55
C PHE B 637 7.58 -14.03 -13.86
N PRO B 638 7.94 -15.09 -14.58
CA PRO B 638 8.63 -14.90 -15.86
C PRO B 638 7.84 -14.03 -16.83
N ALA B 639 6.51 -14.20 -16.88
CA ALA B 639 5.70 -13.38 -17.77
C ALA B 639 5.61 -11.94 -17.29
N TYR B 640 5.52 -11.74 -15.97
CA TYR B 640 5.42 -10.38 -15.44
C TYR B 640 6.66 -9.57 -15.76
N CYS B 641 7.85 -10.18 -15.60
CA CYS B 641 9.08 -9.48 -15.94
C CYS B 641 9.14 -9.17 -17.44
N LYS B 642 8.78 -10.14 -18.28
CA LYS B 642 8.77 -9.90 -19.72
C LYS B 642 7.70 -8.89 -20.11
N LEU B 643 6.59 -8.85 -19.36
CA LEU B 643 5.56 -7.85 -19.63
C LEU B 643 6.11 -6.43 -19.44
N SER B 644 6.93 -6.22 -18.40
CA SER B 644 7.52 -4.91 -18.19
C SER B 644 8.36 -4.48 -19.39
N GLY B 645 9.00 -5.43 -20.07
CA GLY B 645 9.76 -5.08 -21.25
C GLY B 645 8.90 -4.45 -22.34
N LEU B 646 7.68 -4.97 -22.52
CA LEU B 646 6.78 -4.39 -23.50
C LEU B 646 6.43 -2.94 -23.17
N TYR B 647 6.20 -2.66 -21.88
CA TYR B 647 5.91 -1.29 -21.47
C TYR B 647 7.07 -0.36 -21.82
N GLU B 648 8.30 -0.79 -21.55
CA GLU B 648 9.46 0.03 -21.89
C GLU B 648 9.60 0.17 -23.40
N GLN B 649 9.34 -0.90 -24.15
CA GLN B 649 9.50 -0.86 -25.59
C GLN B 649 8.57 0.17 -26.23
N TYR B 650 7.31 0.20 -25.79
CA TYR B 650 6.33 1.11 -26.36
C TYR B 650 6.22 2.43 -25.61
N GLY B 651 7.05 2.65 -24.59
CA GLY B 651 7.03 3.89 -23.86
C GLY B 651 5.95 4.01 -22.81
N PHE B 652 5.23 2.94 -22.52
CA PHE B 652 4.18 2.99 -21.50
C PHE B 652 4.80 3.16 -20.12
N GLN B 653 3.96 3.58 -19.18
CA GLN B 653 4.41 3.79 -17.80
C GLN B 653 4.95 2.50 -17.23
N ARG B 654 6.25 2.45 -16.95
CA ARG B 654 6.88 1.23 -16.49
C ARG B 654 6.50 0.94 -15.04
N PHE B 655 6.59 -0.34 -14.67
CA PHE B 655 6.29 -0.80 -13.33
C PHE B 655 7.46 -1.65 -12.82
N SER B 656 7.64 -1.65 -11.51
CA SER B 656 8.75 -2.38 -10.88
C SER B 656 8.40 -3.87 -10.86
N ALA B 657 8.84 -4.57 -11.90
CA ALA B 657 8.60 -6.01 -11.96
C ALA B 657 9.32 -6.74 -10.83
N ILE B 658 10.56 -6.36 -10.56
CA ILE B 658 11.37 -6.94 -9.47
C ILE B 658 11.50 -5.89 -8.38
N PRO B 659 11.00 -6.14 -7.17
CA PRO B 659 11.11 -5.13 -6.11
C PRO B 659 12.55 -4.84 -5.76
N LEU B 660 12.81 -3.59 -5.38
CA LEU B 660 14.14 -3.12 -5.03
C LEU B 660 14.07 -2.33 -3.73
N ARG B 661 15.02 -2.58 -2.84
CA ARG B 661 15.14 -1.84 -1.57
C ARG B 661 16.02 -0.61 -1.80
N ARG B 662 15.45 0.36 -2.49
CA ARG B 662 16.21 1.53 -2.93
C ARG B 662 16.51 2.48 -1.77
N SER B 663 15.58 2.61 -0.84
CA SER B 663 15.72 3.61 0.21
C SER B 663 16.99 3.39 1.01
N LEU B 664 17.75 4.47 1.22
CA LEU B 664 18.96 4.44 2.03
C LEU B 664 18.70 4.71 3.51
N ILE B 665 17.48 5.11 3.88
CA ILE B 665 17.17 5.37 5.27
C ILE B 665 17.19 4.06 6.04
N GLN B 666 17.57 4.15 7.32
CA GLN B 666 17.61 2.96 8.18
C GLN B 666 16.29 2.23 8.17
N SER B 667 16.28 1.01 7.65
CA SER B 667 15.08 0.18 7.61
C SER B 667 15.06 -0.74 8.82
N HIS B 668 13.86 -0.98 9.34
CA HIS B 668 13.73 -1.85 10.50
C HIS B 668 14.28 -3.24 10.20
N VAL B 669 15.11 -3.75 11.11
CA VAL B 669 15.71 -5.07 10.99
C VAL B 669 15.26 -5.89 12.18
N ARG B 670 14.71 -7.07 11.91
CA ARG B 670 14.20 -7.93 12.98
C ARG B 670 15.35 -8.50 13.79
N ILE B 671 15.23 -8.41 15.12
CA ILE B 671 16.22 -8.94 16.05
C ILE B 671 15.52 -9.92 16.96
N ASP B 672 15.98 -11.17 16.96
CA ASP B 672 15.40 -12.23 17.76
C ASP B 672 16.39 -12.62 18.87
N THR B 673 16.02 -13.67 19.62
CA THR B 673 16.86 -14.11 20.72
C THR B 673 18.22 -14.60 20.21
N ILE B 674 18.23 -15.34 19.10
CA ILE B 674 19.48 -15.87 18.58
C ILE B 674 20.41 -14.73 18.18
N ILE B 675 19.87 -13.73 17.48
CA ILE B 675 20.68 -12.58 17.08
C ILE B 675 21.12 -11.80 18.32
N LEU B 676 20.27 -11.74 19.35
CA LEU B 676 20.56 -10.92 20.51
C LEU B 676 21.89 -11.31 21.15
N TYR B 677 22.07 -12.60 21.45
CA TYR B 677 23.28 -13.01 22.15
C TYR B 677 24.49 -13.08 21.24
N GLN B 678 24.29 -13.37 19.95
CA GLN B 678 25.43 -13.49 19.03
C GLN B 678 26.05 -12.14 18.75
N HIS B 679 25.23 -11.09 18.67
CA HIS B 679 25.70 -9.76 18.24
C HIS B 679 25.63 -8.71 19.32
N ILE B 680 24.59 -8.71 20.15
CA ILE B 680 24.41 -7.65 21.14
C ILE B 680 25.21 -7.98 22.39
N LEU B 681 24.88 -9.12 23.02
CA LEU B 681 25.62 -9.53 24.21
C LEU B 681 27.00 -10.10 23.85
N CYS B 682 27.12 -10.70 22.67
CA CYS B 682 28.38 -11.29 22.22
C CYS B 682 28.84 -12.37 23.19
N ILE B 683 28.01 -13.40 23.33
CA ILE B 683 28.29 -14.55 24.19
C ILE B 683 28.09 -15.83 23.40
N THR B 684 28.71 -16.90 23.89
CA THR B 684 28.64 -18.18 23.21
C THR B 684 27.23 -18.76 23.25
N ARG B 685 26.96 -19.67 22.32
CA ARG B 685 25.64 -20.30 22.27
C ARG B 685 25.35 -21.08 23.55
N ARG B 686 26.34 -21.82 24.06
CA ARG B 686 26.14 -22.58 25.29
C ARG B 686 25.79 -21.66 26.45
N ASP B 687 26.46 -20.52 26.55
CA ASP B 687 26.16 -19.58 27.63
C ASP B 687 24.72 -19.10 27.57
N ALA B 688 24.18 -18.89 26.36
CA ALA B 688 22.82 -18.42 26.22
C ALA B 688 21.80 -19.53 26.47
N GLU B 689 22.11 -20.76 26.07
CA GLU B 689 21.16 -21.86 26.23
C GLU B 689 20.85 -22.16 27.69
N THR B 690 21.75 -21.79 28.61
CA THR B 690 21.55 -22.04 30.02
C THR B 690 20.72 -20.96 30.71
N VAL B 691 20.29 -19.93 29.98
CA VAL B 691 19.53 -18.82 30.53
C VAL B 691 18.20 -18.74 29.81
N GLU B 692 17.15 -18.37 30.54
CA GLU B 692 15.82 -18.27 29.95
C GLU B 692 15.79 -17.15 28.90
N LYS B 693 14.92 -17.32 27.91
CA LYS B 693 14.81 -16.32 26.85
C LYS B 693 14.42 -14.96 27.40
N ASP B 694 13.44 -14.92 28.30
CA ASP B 694 13.03 -13.65 28.90
C ASP B 694 14.17 -13.03 29.70
N ASP B 695 14.88 -13.84 30.48
CA ASP B 695 16.01 -13.32 31.25
C ASP B 695 17.09 -12.78 30.34
N LEU B 696 17.36 -13.48 29.23
CA LEU B 696 18.41 -13.04 28.31
C LEU B 696 18.09 -11.67 27.72
N TRP B 697 16.80 -11.38 27.49
CA TRP B 697 16.41 -10.10 26.92
C TRP B 697 16.50 -8.97 27.93
N MET B 698 16.23 -9.24 29.21
CA MET B 698 16.20 -8.18 30.20
C MET B 698 17.54 -7.46 30.33
N ARG B 699 18.65 -8.12 29.97
CA ARG B 699 19.95 -7.47 30.02
C ARG B 699 20.14 -6.45 28.92
N VAL B 700 19.24 -6.38 27.94
CA VAL B 700 19.34 -5.44 26.83
C VAL B 700 18.14 -4.51 26.78
N CYS B 701 16.93 -5.05 26.91
CA CYS B 701 15.70 -4.28 26.80
C CYS B 701 14.99 -4.22 28.15
N ASN B 702 14.35 -3.08 28.40
CA ASN B 702 13.57 -2.87 29.62
C ASN B 702 12.19 -3.47 29.41
N LEU B 703 12.07 -4.78 29.68
CA LEU B 703 10.80 -5.46 29.46
C LEU B 703 9.70 -4.97 30.40
N CYS B 704 10.06 -4.29 31.49
CA CYS B 704 9.07 -3.78 32.42
C CYS B 704 8.26 -2.63 31.84
N THR B 705 8.66 -2.07 30.70
CA THR B 705 7.97 -0.92 30.12
C THR B 705 6.59 -1.35 29.61
N LYS B 706 5.85 -0.36 29.12
CA LYS B 706 4.47 -0.60 28.69
C LYS B 706 4.39 -1.46 27.43
N ALA B 707 5.36 -1.29 26.51
CA ALA B 707 5.27 -1.97 25.22
C ALA B 707 5.31 -3.48 25.37
N PHE B 708 6.16 -3.99 26.26
CA PHE B 708 6.40 -5.43 26.35
C PHE B 708 5.32 -6.17 27.14
N ARG B 709 4.38 -5.46 27.76
CA ARG B 709 3.37 -6.13 28.56
C ARG B 709 2.41 -6.93 27.68
N SER B 710 1.92 -8.04 28.21
CA SER B 710 1.03 -8.91 27.46
C SER B 710 -0.34 -8.27 27.28
N ARG B 711 -0.98 -8.60 26.15
CA ARG B 711 -2.33 -8.12 25.86
C ARG B 711 -3.12 -9.25 25.22
N CYS B 712 -4.35 -9.45 25.71
CA CYS B 712 -5.27 -10.43 25.14
C CYS B 712 -4.63 -11.81 25.06
N GLY B 713 -3.93 -12.19 26.13
CA GLY B 713 -3.30 -13.50 26.17
C GLY B 713 -2.10 -13.66 25.28
N MET B 714 -1.53 -12.56 24.77
CA MET B 714 -0.39 -12.58 23.87
C MET B 714 0.83 -12.06 24.61
N HIS B 715 1.91 -12.82 24.57
CA HIS B 715 3.10 -12.54 25.36
C HIS B 715 4.29 -12.28 24.46
N PHE B 716 5.20 -11.42 24.94
CA PHE B 716 6.43 -11.14 24.22
C PHE B 716 7.28 -12.40 24.12
N GLU B 717 7.82 -12.67 22.94
CA GLU B 717 8.58 -13.88 22.67
C GLU B 717 9.92 -13.55 22.02
N GLY B 718 10.57 -12.48 22.47
CA GLY B 718 11.91 -12.17 22.04
C GLY B 718 12.04 -11.91 20.54
N SER B 719 11.16 -11.10 19.99
CA SER B 719 11.20 -10.75 18.56
C SER B 719 10.81 -9.29 18.41
N ILE B 720 11.76 -8.45 18.01
CA ILE B 720 11.51 -7.03 17.79
C ILE B 720 12.23 -6.59 16.52
N THR B 721 11.75 -5.47 15.97
CA THR B 721 12.38 -4.83 14.81
C THR B 721 12.68 -3.38 15.17
N THR B 722 13.90 -2.94 14.90
CA THR B 722 14.34 -1.59 15.24
C THR B 722 15.08 -0.98 14.06
N ASP B 723 15.04 0.36 13.99
CA ASP B 723 15.72 1.10 12.93
C ASP B 723 16.60 2.21 13.48
N GLY B 724 16.90 2.20 14.78
CA GLY B 724 17.75 3.21 15.39
C GLY B 724 16.99 4.38 15.98
N ALA B 725 15.72 4.54 15.67
CA ALA B 725 14.89 5.60 16.22
C ALA B 725 13.61 5.09 16.86
N SER B 726 13.01 4.04 16.29
CA SER B 726 11.80 3.44 16.83
C SER B 726 11.97 1.92 16.88
N VAL B 727 11.36 1.32 17.89
CA VAL B 727 11.43 -0.13 18.11
C VAL B 727 10.02 -0.68 18.11
N SER B 728 9.80 -1.72 17.32
CA SER B 728 8.51 -2.40 17.23
C SER B 728 8.59 -3.70 18.02
N VAL B 729 7.75 -3.82 19.05
CA VAL B 729 7.73 -4.99 19.92
C VAL B 729 6.56 -5.86 19.50
N TYR B 730 6.84 -7.11 19.16
CA TYR B 730 5.82 -8.04 18.68
C TYR B 730 5.44 -9.00 19.81
N LEU B 731 4.13 -9.16 20.01
CA LEU B 731 3.59 -10.11 20.97
C LEU B 731 3.02 -11.30 20.22
N LYS B 732 3.40 -12.50 20.62
CA LYS B 732 3.07 -13.72 19.91
C LYS B 732 2.18 -14.60 20.77
N HIS B 733 1.05 -15.03 20.21
CA HIS B 733 0.16 -15.92 20.93
C HIS B 733 0.75 -17.33 20.98
N PRO B 734 0.57 -18.06 22.08
CA PRO B 734 1.14 -19.42 22.14
C PRO B 734 0.62 -20.35 21.07
N GLU B 735 -0.60 -20.12 20.57
CA GLU B 735 -1.19 -20.95 19.53
C GLU B 735 -0.74 -20.56 18.13
N ALA B 736 0.36 -19.83 18.00
CA ALA B 736 0.84 -19.42 16.70
C ALA B 736 1.32 -20.63 15.90
N ASP B 737 1.54 -20.41 14.60
CA ASP B 737 1.97 -21.48 13.70
C ASP B 737 3.38 -21.98 14.01
N LYS B 738 4.14 -21.24 14.83
CA LYS B 738 5.51 -21.64 15.17
C LYS B 738 6.39 -21.70 13.91
N TYR B 739 6.35 -20.62 13.14
CA TYR B 739 7.15 -20.52 11.92
C TYR B 739 6.70 -21.57 10.91
N LYS B 756 -20.37 -8.25 2.24
CA LYS B 756 -21.83 -8.26 2.30
C LYS B 756 -22.32 -8.45 3.73
N ALA B 757 -21.52 -9.14 4.55
CA ALA B 757 -21.88 -9.36 5.94
C ALA B 757 -21.70 -8.12 6.79
N LEU B 758 -20.88 -7.16 6.34
CA LEU B 758 -20.64 -5.95 7.11
C LEU B 758 -21.69 -4.87 6.89
N TYR B 759 -22.58 -5.05 5.91
CA TYR B 759 -23.60 -4.05 5.64
C TYR B 759 -24.67 -4.04 6.73
N VAL B 760 -25.29 -2.88 6.91
CA VAL B 760 -26.30 -2.73 7.96
C VAL B 760 -27.51 -3.61 7.69
N GLU B 761 -27.80 -3.89 6.41
CA GLU B 761 -28.96 -4.71 6.09
C GLU B 761 -28.87 -6.08 6.74
N ASN B 762 -27.66 -6.63 6.90
CA ASN B 762 -27.45 -7.93 7.51
C ASN B 762 -27.14 -7.84 9.00
N ASN B 763 -27.18 -6.64 9.58
CA ASN B 763 -26.88 -6.46 11.00
C ASN B 763 -27.91 -5.55 11.67
N LEU B 764 -29.16 -5.60 11.21
CA LEU B 764 -30.18 -4.74 11.79
C LEU B 764 -30.37 -4.96 13.29
N PRO B 765 -30.41 -6.19 13.81
CA PRO B 765 -30.62 -6.35 15.26
C PRO B 765 -29.58 -5.62 16.10
N ALA B 766 -28.33 -5.60 15.66
CA ALA B 766 -27.29 -4.89 16.41
C ALA B 766 -27.57 -3.40 16.47
N CYS B 767 -28.00 -2.82 15.35
CA CYS B 767 -28.26 -1.38 15.31
C CYS B 767 -29.36 -0.98 16.28
N ARG B 768 -30.42 -1.79 16.38
CA ARG B 768 -31.51 -1.44 17.27
C ARG B 768 -31.05 -1.34 18.72
N ALA B 769 -30.21 -2.28 19.15
CA ALA B 769 -29.72 -2.27 20.53
C ALA B 769 -28.63 -1.23 20.76
N ALA B 770 -28.12 -0.61 19.70
CA ALA B 770 -27.07 0.39 19.86
C ALA B 770 -27.61 1.62 20.60
N GLU B 771 -26.79 2.15 21.51
CA GLU B 771 -27.19 3.33 22.26
C GLU B 771 -27.42 4.52 21.34
N ASN B 772 -26.52 4.71 20.37
CA ASN B 772 -26.65 5.79 19.39
C ASN B 772 -26.06 5.34 18.08
N VAL B 773 -26.64 5.83 16.98
CA VAL B 773 -26.21 5.48 15.63
C VAL B 773 -25.67 6.73 14.96
N VAL B 774 -24.47 6.63 14.40
CA VAL B 774 -23.80 7.74 13.74
C VAL B 774 -23.57 7.36 12.29
N VAL B 775 -23.99 8.24 11.38
CA VAL B 775 -23.84 8.02 9.94
C VAL B 775 -22.65 8.85 9.46
N ILE B 776 -21.77 8.22 8.69
CA ILE B 776 -20.55 8.85 8.19
C ILE B 776 -20.59 8.83 6.67
N ASP B 777 -20.29 9.98 6.07
CA ASP B 777 -20.21 10.11 4.61
C ASP B 777 -18.78 10.44 4.23
N PRO B 778 -17.96 9.46 3.84
CA PRO B 778 -16.56 9.76 3.53
C PRO B 778 -16.43 10.68 2.33
N ASN B 779 -15.41 11.55 2.39
CA ASN B 779 -15.08 12.44 1.29
C ASN B 779 -13.57 12.64 1.29
N LYS B 780 -13.10 13.51 0.41
CA LYS B 780 -11.66 13.78 0.29
C LYS B 780 -11.21 14.87 1.25
N ARG B 781 -11.77 16.07 1.11
CA ARG B 781 -11.42 17.15 2.03
C ARG B 781 -11.97 16.88 3.43
N ASP B 782 -13.25 16.51 3.50
CA ASP B 782 -13.89 16.11 4.76
C ASP B 782 -13.80 14.59 4.82
N ILE B 783 -12.69 14.08 5.36
CA ILE B 783 -12.47 12.64 5.38
C ILE B 783 -13.63 11.93 6.07
N LEU B 784 -14.08 12.48 7.19
CA LEU B 784 -15.24 11.96 7.91
C LEU B 784 -16.21 13.09 8.16
N TYR B 785 -17.50 12.85 7.88
CA TYR B 785 -18.57 13.79 8.19
C TYR B 785 -19.67 13.00 8.90
N CYS B 786 -19.82 13.25 10.20
CA CYS B 786 -20.65 12.43 11.06
C CYS B 786 -21.92 13.17 11.46
N GLN B 787 -23.03 12.44 11.56
CA GLN B 787 -24.28 12.98 12.01
C GLN B 787 -25.09 11.87 12.68
N ASP B 788 -26.01 12.26 13.55
CA ASP B 788 -26.85 11.32 14.28
C ASP B 788 -28.29 11.82 14.25
N SER B 789 -29.16 11.09 14.96
CA SER B 789 -30.57 11.47 14.99
C SER B 789 -30.77 12.83 15.64
N ASN B 790 -29.89 13.23 16.54
CA ASN B 790 -30.01 14.52 17.22
C ASN B 790 -29.50 15.69 16.36
N GLY B 791 -28.90 15.41 15.21
CA GLY B 791 -28.42 16.47 14.35
C GLY B 791 -27.08 17.05 14.72
N THR B 792 -26.33 16.43 15.63
CA THR B 792 -25.02 16.92 16.03
C THR B 792 -24.02 16.55 14.94
N THR B 793 -23.48 17.57 14.27
CA THR B 793 -22.58 17.36 13.14
C THR B 793 -21.13 17.42 13.60
N PHE B 794 -20.35 16.43 13.18
CA PHE B 794 -18.92 16.36 13.47
C PHE B 794 -18.19 15.95 12.20
N ARG B 795 -17.03 16.57 11.96
CA ARG B 795 -16.25 16.28 10.76
C ARG B 795 -14.78 16.17 11.12
N TYR B 796 -14.04 15.41 10.31
CA TYR B 796 -12.60 15.24 10.44
C TYR B 796 -11.99 15.57 9.08
N THR B 797 -11.44 16.77 8.95
CA THR B 797 -10.97 17.28 7.67
C THR B 797 -9.53 16.84 7.41
N ALA B 798 -9.16 16.82 6.12
CA ALA B 798 -7.79 16.48 5.74
C ALA B 798 -6.81 17.51 6.29
N ASN B 799 -7.19 18.80 6.26
CA ASN B 799 -6.31 19.83 6.80
C ASN B 799 -6.05 19.60 8.29
N GLN B 800 -7.07 19.21 9.04
CA GLN B 800 -6.88 18.91 10.45
C GLN B 800 -5.90 17.76 10.63
N ARG B 801 -6.03 16.72 9.82
CA ARG B 801 -5.09 15.60 9.90
C ARG B 801 -3.68 16.03 9.55
N ALA B 802 -3.54 16.84 8.49
CA ALA B 802 -2.20 17.26 8.07
C ALA B 802 -1.51 18.07 9.15
N VAL B 803 -2.23 19.00 9.79
CA VAL B 803 -1.63 19.80 10.85
C VAL B 803 -1.29 18.92 12.05
N GLU B 804 -2.24 18.08 12.47
CA GLU B 804 -1.98 17.19 13.60
C GLU B 804 -0.90 16.18 13.27
N THR B 805 -0.95 15.59 12.07
CA THR B 805 0.09 14.63 11.70
C THR B 805 1.40 15.30 11.35
N GLY B 806 1.35 16.52 10.82
CA GLY B 806 2.56 17.22 10.45
C GLY B 806 3.20 16.74 9.17
N SER B 807 2.46 16.01 8.33
CA SER B 807 3.04 15.48 7.10
C SER B 807 3.49 16.62 6.19
N ARG B 808 2.66 17.65 6.03
CA ARG B 808 3.04 18.78 5.19
C ARG B 808 4.17 19.58 5.83
N ARG B 809 4.17 19.73 7.15
CA ARG B 809 5.27 20.41 7.82
C ARG B 809 6.57 19.64 7.62
N PHE B 810 6.53 18.32 7.79
CA PHE B 810 7.72 17.51 7.54
C PHE B 810 8.14 17.58 6.08
N ALA B 811 7.17 17.56 5.17
CA ALA B 811 7.50 17.62 3.74
C ALA B 811 8.24 18.90 3.41
N LYS B 812 7.75 20.04 3.93
CA LYS B 812 8.43 21.30 3.66
C LYS B 812 9.84 21.31 4.25
N ARG B 813 9.98 20.80 5.49
CA ARG B 813 11.30 20.73 6.09
C ARG B 813 12.21 19.79 5.32
N ARG B 814 11.69 18.64 4.89
CA ARG B 814 12.50 17.68 4.15
C ARG B 814 12.99 18.27 2.83
N GLU B 815 12.11 18.97 2.10
CA GLU B 815 12.52 19.57 0.84
C GLU B 815 13.58 20.63 1.06
N ALA B 816 13.40 21.48 2.08
CA ALA B 816 14.39 22.52 2.36
C ALA B 816 15.72 21.91 2.74
N MET B 817 15.70 20.84 3.55
CA MET B 817 16.94 20.20 3.96
C MET B 817 17.70 19.64 2.76
N LYS B 818 16.97 19.03 1.82
CA LYS B 818 17.63 18.50 0.62
C LYS B 818 18.29 19.61 -0.18
N GLU B 819 17.61 20.76 -0.33
CA GLU B 819 18.18 21.86 -1.09
C GLU B 819 19.48 22.36 -0.46
N GLU B 820 19.50 22.46 0.88
CA GLU B 820 20.71 22.90 1.56
C GLU B 820 21.86 21.94 1.31
N ALA B 821 21.59 20.64 1.37
CA ALA B 821 22.61 19.62 1.13
C ALA B 821 22.84 19.35 -0.36
N GLY B 822 21.97 19.85 -1.23
CA GLY B 822 22.15 19.64 -2.65
C GLY B 822 21.85 18.25 -3.13
N VAL B 823 21.11 17.45 -2.34
CA VAL B 823 20.80 16.09 -2.74
C VAL B 823 19.63 16.03 -3.72
N ASP B 824 18.77 17.05 -3.74
CA ASP B 824 17.64 17.04 -4.67
C ASP B 824 18.12 17.00 -6.11
N LEU B 825 19.15 17.78 -6.44
CA LEU B 825 19.69 17.75 -7.79
C LEU B 825 20.27 16.38 -8.14
N ILE B 826 20.76 15.66 -7.13
CA ILE B 826 21.38 14.35 -7.39
C ILE B 826 20.30 13.30 -7.65
N GLU B 827 19.30 13.23 -6.77
CA GLU B 827 18.27 12.21 -6.89
C GLU B 827 17.42 12.43 -8.14
N SER B 828 17.20 13.68 -8.53
CA SER B 828 16.34 13.98 -9.67
C SER B 828 16.87 13.38 -10.96
N ARG B 829 18.18 13.14 -11.06
CA ARG B 829 18.80 12.66 -12.29
C ARG B 829 19.19 11.19 -12.22
N ILE B 830 18.69 10.45 -11.24
CA ILE B 830 19.00 9.02 -11.15
C ILE B 830 18.28 8.28 -12.28
N PRO B 831 18.95 7.43 -13.04
CA PRO B 831 18.24 6.68 -14.09
C PRO B 831 17.16 5.79 -13.49
N SER B 832 16.11 5.57 -14.29
CA SER B 832 14.99 4.75 -13.84
C SER B 832 15.45 3.35 -13.46
N HIS B 833 15.01 2.88 -12.30
CA HIS B 833 15.33 1.54 -11.83
C HIS B 833 14.36 0.49 -12.38
N LYS B 834 13.21 0.91 -12.92
CA LYS B 834 12.23 -0.02 -13.46
C LYS B 834 12.63 -0.60 -14.81
N THR B 835 13.69 -0.08 -15.42
CA THR B 835 14.11 -0.57 -16.73
C THR B 835 14.49 -2.05 -16.63
N MET B 836 14.05 -2.81 -17.63
CA MET B 836 14.34 -4.24 -17.71
C MET B 836 15.56 -4.55 -18.58
N ASN B 837 16.22 -3.54 -19.13
CA ASN B 837 17.40 -3.73 -19.94
C ASN B 837 18.64 -3.79 -19.06
N LEU B 838 19.52 -4.75 -19.37
CA LEU B 838 20.74 -4.90 -18.58
C LEU B 838 21.61 -3.65 -18.66
N MET B 839 21.77 -3.09 -19.86
CA MET B 839 22.58 -1.88 -20.02
C MET B 839 21.96 -0.71 -19.27
N ASP B 840 20.64 -0.54 -19.37
CA ASP B 840 19.99 0.56 -18.68
C ASP B 840 20.09 0.40 -17.17
N PHE B 841 19.89 -0.82 -16.66
CA PHE B 841 20.01 -1.05 -15.23
C PHE B 841 21.45 -0.86 -14.74
N THR B 842 22.42 -1.21 -15.58
CA THR B 842 23.82 -0.99 -15.20
C THR B 842 24.11 0.49 -15.01
N ARG B 843 23.56 1.34 -15.89
CA ARG B 843 23.74 2.78 -15.73
C ARG B 843 23.16 3.26 -14.40
N TYR B 844 22.00 2.71 -14.01
CA TYR B 844 21.40 3.09 -12.74
C TYR B 844 22.32 2.77 -11.57
N LEU B 845 22.92 1.58 -11.58
CA LEU B 845 23.83 1.22 -10.50
C LEU B 845 25.06 2.13 -10.49
N LEU B 846 25.63 2.41 -11.66
CA LEU B 846 26.82 3.27 -11.73
C LEU B 846 26.50 4.67 -11.24
N VAL B 847 25.38 5.23 -11.67
CA VAL B 847 25.01 6.58 -11.24
C VAL B 847 24.74 6.59 -9.73
N ARG B 848 24.04 5.57 -9.23
CA ARG B 848 23.78 5.49 -7.80
C ARG B 848 25.08 5.36 -7.01
N ARG B 849 26.02 4.56 -7.50
CA ARG B 849 27.32 4.45 -6.85
C ARG B 849 28.09 5.75 -6.91
N ALA B 850 27.89 6.54 -7.96
CA ALA B 850 28.69 7.76 -8.13
C ALA B 850 28.48 8.73 -6.98
N ASP B 851 27.24 8.91 -6.55
CA ASP B 851 26.91 9.84 -5.47
C ASP B 851 26.36 9.12 -4.23
N TRP B 852 26.69 7.84 -4.06
CA TRP B 852 26.21 7.11 -2.89
C TRP B 852 26.75 7.71 -1.60
N ASP B 853 28.02 8.10 -1.60
CA ASP B 853 28.63 8.62 -0.37
C ASP B 853 27.91 9.87 0.11
N ARG B 854 27.72 10.85 -0.78
CA ARG B 854 27.09 12.10 -0.35
C ARG B 854 25.65 11.89 0.08
N ARG B 855 24.89 11.09 -0.67
CA ARG B 855 23.51 10.85 -0.29
C ARG B 855 23.43 10.02 0.99
N LYS B 856 24.33 9.06 1.16
CA LYS B 856 24.35 8.26 2.38
C LYS B 856 24.59 9.13 3.60
N GLU B 857 25.53 10.08 3.49
CA GLU B 857 25.78 10.99 4.59
C GLU B 857 24.54 11.84 4.89
N PHE B 858 23.86 12.32 3.85
CA PHE B 858 22.67 13.14 4.05
C PHE B 858 21.58 12.36 4.76
N TYR B 859 21.35 11.11 4.36
CA TYR B 859 20.29 10.29 4.95
C TYR B 859 20.68 9.70 6.29
N SER B 860 21.95 9.74 6.68
CA SER B 860 22.35 9.27 8.00
C SER B 860 21.91 10.21 9.11
N HIS B 861 21.42 11.40 8.78
CA HIS B 861 21.00 12.35 9.79
C HIS B 861 19.83 11.77 10.59
N PRO B 862 19.79 11.98 11.92
CA PRO B 862 18.68 11.41 12.70
C PRO B 862 17.32 11.94 12.28
N ALA B 863 17.24 13.10 11.62
CA ALA B 863 15.95 13.71 11.32
C ALA B 863 15.10 12.79 10.48
N HIS B 864 15.69 12.10 9.50
CA HIS B 864 14.91 11.25 8.61
C HIS B 864 14.21 10.14 9.40
N THR B 865 14.94 9.49 10.32
CA THR B 865 14.33 8.44 11.12
C THR B 865 13.36 9.03 12.14
N ARG B 866 13.69 10.18 12.71
CA ARG B 866 12.81 10.81 13.70
C ARG B 866 11.47 11.17 13.08
N TRP B 867 11.48 11.64 11.83
CA TRP B 867 10.22 11.99 11.18
C TRP B 867 9.30 10.78 11.05
N LYS B 868 9.87 9.62 10.72
CA LYS B 868 9.05 8.40 10.68
C LYS B 868 8.46 8.10 12.05
N TRP B 869 9.27 8.20 13.09
CA TRP B 869 8.77 7.92 14.44
C TRP B 869 7.84 9.03 14.94
N HIS B 870 8.20 10.28 14.68
CA HIS B 870 7.33 11.39 15.08
C HIS B 870 6.00 11.34 14.32
N SER B 871 6.05 10.95 13.04
CA SER B 871 4.81 10.83 12.28
C SER B 871 3.89 9.79 12.90
N PHE B 872 4.45 8.66 13.34
CA PHE B 872 3.62 7.63 13.97
C PHE B 872 2.97 8.15 15.24
N ILE B 873 3.73 8.89 16.07
CA ILE B 873 3.16 9.46 17.28
C ILE B 873 2.08 10.46 16.93
N ASN B 874 2.37 11.35 15.98
CA ASN B 874 1.38 12.35 15.58
C ASN B 874 0.14 11.68 14.98
N ARG B 875 0.35 10.67 14.13
CA ARG B 875 -0.78 9.96 13.55
C ARG B 875 -1.59 9.26 14.63
N GLN B 876 -0.92 8.61 15.58
CA GLN B 876 -1.62 7.93 16.66
C GLN B 876 -2.42 8.92 17.51
N LYS B 877 -1.80 10.06 17.86
CA LYS B 877 -2.50 11.06 18.66
C LYS B 877 -3.67 11.65 17.88
N SER B 878 -3.49 11.91 16.58
CA SER B 878 -4.56 12.49 15.79
C SER B 878 -5.79 11.58 15.77
N GLU B 879 -5.56 10.28 15.55
CA GLU B 879 -6.67 9.33 15.58
C GLU B 879 -7.25 9.21 16.98
N SER B 880 -6.39 9.24 18.01
CA SER B 880 -6.88 9.16 19.38
C SER B 880 -7.79 10.34 19.71
N ASP B 881 -7.40 11.54 19.29
CA ASP B 881 -8.25 12.71 19.51
C ASP B 881 -9.57 12.58 18.76
N LEU B 882 -9.52 12.04 17.53
CA LEU B 882 -10.74 11.86 16.75
C LEU B 882 -11.74 10.98 17.51
N ILE B 883 -11.28 9.84 18.02
CA ILE B 883 -12.18 8.96 18.77
C ILE B 883 -12.67 9.66 20.02
N SER B 884 -11.77 10.34 20.74
CA SER B 884 -12.17 11.05 21.95
C SER B 884 -13.20 12.14 21.63
N ASN B 885 -12.96 12.91 20.56
CA ASN B 885 -13.91 13.94 20.20
C ASN B 885 -15.26 13.34 19.81
N MET B 886 -15.24 12.25 19.04
CA MET B 886 -16.49 11.61 18.66
C MET B 886 -17.23 11.06 19.86
N ARG B 887 -16.51 10.44 20.80
CA ARG B 887 -17.16 9.90 21.99
C ARG B 887 -17.81 11.00 22.81
N ASN B 888 -17.12 12.13 22.99
CA ASN B 888 -17.70 13.25 23.71
C ASN B 888 -18.84 13.91 22.93
N LYS B 889 -18.89 13.68 21.62
CA LYS B 889 -19.92 14.28 20.78
C LYS B 889 -21.19 13.43 20.72
N TYR B 890 -21.04 12.12 20.52
CA TYR B 890 -22.17 11.22 20.38
C TYR B 890 -22.36 10.26 21.56
N GLY B 891 -21.34 10.08 22.39
CA GLY B 891 -21.44 9.19 23.52
C GLY B 891 -20.31 8.18 23.58
N GLU B 892 -20.11 7.56 24.74
CA GLU B 892 -19.02 6.60 24.90
C GLU B 892 -19.20 5.41 23.97
N ASN B 893 -20.42 4.88 23.88
CA ASN B 893 -20.72 3.73 23.05
C ASN B 893 -21.68 4.15 21.95
N PHE B 894 -21.30 3.89 20.70
CA PHE B 894 -22.14 4.22 19.56
C PHE B 894 -21.79 3.30 18.40
N THR B 895 -22.72 3.19 17.46
CA THR B 895 -22.55 2.38 16.26
C THR B 895 -22.38 3.28 15.05
N VAL B 896 -21.45 2.91 14.17
CA VAL B 896 -21.08 3.71 13.01
C VAL B 896 -21.65 3.04 11.77
N VAL B 897 -22.43 3.80 11.01
CA VAL B 897 -22.93 3.35 9.71
C VAL B 897 -22.24 4.19 8.64
N MET B 898 -21.13 3.69 8.11
CA MET B 898 -20.28 4.44 7.19
C MET B 898 -20.62 4.05 5.76
N GLY B 899 -20.61 5.06 4.87
CA GLY B 899 -20.87 4.79 3.47
C GLY B 899 -19.83 3.88 2.87
N ASP B 900 -20.25 3.10 1.88
CA ASP B 900 -19.39 2.10 1.25
C ASP B 900 -18.37 2.71 0.31
N TRP B 901 -18.47 4.00 -0.01
CA TRP B 901 -17.52 4.61 -0.94
C TRP B 901 -16.11 4.51 -0.41
N SER B 902 -15.17 4.19 -1.30
CA SER B 902 -13.76 4.09 -0.94
C SER B 902 -12.94 4.00 -2.21
N ASP B 903 -11.83 4.74 -2.25
CA ASP B 903 -10.89 4.72 -3.37
C ASP B 903 -9.65 3.90 -3.04
N ALA B 904 -9.82 2.81 -2.31
CA ALA B 904 -8.70 1.99 -1.84
C ALA B 904 -7.80 1.57 -2.99
N GLY B 905 -6.56 2.05 -2.99
CA GLY B 905 -5.60 1.67 -4.00
C GLY B 905 -5.83 2.27 -5.37
N ARG B 906 -6.83 3.12 -5.53
CA ARG B 906 -7.20 3.66 -6.83
C ARG B 906 -7.53 5.15 -6.70
N THR B 907 -6.70 5.88 -5.97
CA THR B 907 -6.93 7.30 -5.79
C THR B 907 -6.99 8.01 -7.14
N ALA B 908 -8.01 8.84 -7.31
CA ALA B 908 -8.20 9.55 -8.57
C ALA B 908 -7.08 10.56 -8.79
N ARG B 909 -6.85 10.88 -10.06
CA ARG B 909 -5.82 11.84 -10.40
C ARG B 909 -6.15 13.20 -9.80
N PHE B 910 -5.11 13.98 -9.51
CA PHE B 910 -5.26 15.22 -8.75
C PHE B 910 -5.74 14.82 -7.34
N GLN B 911 -6.41 15.73 -6.65
CA GLN B 911 -6.92 15.42 -5.31
C GLN B 911 -5.72 15.03 -4.42
N THR B 912 -5.94 14.19 -3.43
CA THR B 912 -4.86 13.72 -2.57
C THR B 912 -5.32 12.43 -1.89
N SER B 913 -4.33 11.66 -1.43
CA SER B 913 -4.64 10.42 -0.74
C SER B 913 -5.41 10.69 0.54
N SER B 914 -6.41 9.86 0.81
CA SER B 914 -7.26 10.01 1.98
C SER B 914 -7.54 8.63 2.57
N LYS B 915 -7.87 8.63 3.86
CA LYS B 915 -8.18 7.40 4.58
C LYS B 915 -9.67 7.09 4.41
N THR B 916 -9.97 6.01 3.70
CA THR B 916 -11.34 5.59 3.45
C THR B 916 -11.68 4.27 4.12
N LYS B 917 -10.92 3.21 3.81
CA LYS B 917 -11.17 1.90 4.40
C LYS B 917 -10.43 1.68 5.71
N GLY B 918 -9.46 2.54 6.04
CA GLY B 918 -8.74 2.38 7.29
C GLY B 918 -9.56 2.70 8.51
N TRP B 919 -10.59 3.53 8.37
CA TRP B 919 -11.44 3.86 9.51
C TRP B 919 -12.20 2.65 10.02
N ARG B 920 -12.52 1.70 9.14
CA ARG B 920 -13.19 0.49 9.57
C ARG B 920 -12.33 -0.28 10.57
N THR B 921 -11.03 -0.40 10.28
CA THR B 921 -10.12 -1.05 11.23
C THR B 921 -10.00 -0.23 12.50
N LEU B 922 -9.88 1.09 12.39
CA LEU B 922 -9.71 1.93 13.56
C LEU B 922 -10.87 1.79 14.52
N PHE B 923 -12.11 1.78 13.99
CA PHE B 923 -13.26 1.57 14.85
C PHE B 923 -13.23 0.19 15.49
N LYS B 924 -12.81 -0.82 14.73
CA LYS B 924 -12.71 -2.17 15.28
C LYS B 924 -11.69 -2.23 16.41
N ARG B 925 -10.56 -1.53 16.24
CA ARG B 925 -9.55 -1.50 17.30
C ARG B 925 -10.12 -0.89 18.58
N ASN B 926 -10.87 0.20 18.44
CA ASN B 926 -11.47 0.89 19.58
C ASN B 926 -12.78 0.25 20.05
N ARG B 927 -13.07 -0.98 19.62
CA ARG B 927 -14.28 -1.69 20.02
C ARG B 927 -15.53 -0.88 19.68
N ILE B 928 -15.53 -0.27 18.50
CA ILE B 928 -16.66 0.49 17.99
C ILE B 928 -17.22 -0.24 16.78
N ASP B 929 -18.49 -0.63 16.85
CA ASP B 929 -19.10 -1.36 15.74
C ASP B 929 -19.17 -0.47 14.50
N CYS B 930 -18.77 -1.04 13.36
CA CYS B 930 -18.79 -0.33 12.09
C CYS B 930 -19.59 -1.14 11.08
N PHE B 931 -20.56 -0.51 10.45
CA PHE B 931 -21.40 -1.15 9.45
C PHE B 931 -21.41 -0.30 8.18
N LEU B 932 -21.55 -0.98 7.04
CA LEU B 932 -21.51 -0.32 5.75
C LEU B 932 -22.93 -0.09 5.22
N LEU B 933 -23.09 1.01 4.50
CA LEU B 933 -24.38 1.37 3.89
C LEU B 933 -24.14 1.89 2.48
N ASP B 934 -24.98 1.46 1.55
CA ASP B 934 -24.84 1.91 0.17
C ASP B 934 -25.12 3.40 0.07
N GLU B 935 -24.34 4.09 -0.76
CA GLU B 935 -24.46 5.53 -0.95
C GLU B 935 -25.25 5.90 -2.21
N TYR B 936 -25.96 4.94 -2.80
CA TYR B 936 -26.70 5.21 -4.03
C TYR B 936 -27.76 6.28 -3.79
N LYS B 937 -27.68 7.37 -4.56
CA LYS B 937 -28.63 8.48 -4.49
C LYS B 937 -28.66 9.14 -3.12
N THR B 938 -27.61 8.97 -2.32
CA THR B 938 -27.57 9.64 -1.02
C THR B 938 -27.25 11.12 -1.16
N SER B 939 -26.49 11.50 -2.18
CA SER B 939 -26.12 12.89 -2.43
C SER B 939 -26.94 13.52 -3.54
N SER B 940 -28.04 12.88 -3.97
CA SER B 940 -28.85 13.39 -5.06
C SER B 940 -30.34 13.46 -4.70
N VAL B 941 -30.66 13.38 -3.42
CA VAL B 941 -32.05 13.43 -2.95
C VAL B 941 -32.13 14.45 -1.82
N CYS B 942 -33.14 15.33 -1.88
CA CYS B 942 -33.33 16.32 -0.84
C CYS B 942 -34.05 15.68 0.35
N PRO B 943 -33.43 15.63 1.52
CA PRO B 943 -34.11 15.00 2.66
C PRO B 943 -35.40 15.69 3.07
N ARG B 944 -35.49 17.01 2.90
CA ARG B 944 -36.67 17.74 3.35
C ARG B 944 -37.92 17.28 2.59
N CYS B 945 -37.80 17.08 1.28
CA CYS B 945 -38.91 16.64 0.46
C CYS B 945 -38.75 15.23 -0.10
N SER B 946 -37.56 14.62 0.04
CA SER B 946 -37.32 13.26 -0.42
C SER B 946 -37.65 13.11 -1.91
N SER B 947 -37.08 14.00 -2.71
CA SER B 947 -37.26 13.97 -4.15
C SER B 947 -35.99 14.46 -4.84
N SER B 948 -35.59 13.75 -5.89
CA SER B 948 -34.41 14.09 -6.66
C SER B 948 -34.74 14.86 -7.94
N GLU B 949 -36.00 15.22 -8.13
CA GLU B 949 -36.40 15.91 -9.36
C GLU B 949 -35.93 17.36 -9.35
N PHE B 950 -36.03 18.03 -8.20
CA PHE B 950 -35.74 19.45 -8.10
C PHE B 950 -34.36 19.74 -7.51
N VAL B 951 -33.52 18.73 -7.35
CA VAL B 951 -32.17 18.94 -6.81
C VAL B 951 -31.26 19.42 -7.93
N GLU B 952 -30.54 20.51 -7.67
CA GLU B 952 -29.62 21.10 -8.63
C GLU B 952 -28.20 21.04 -8.08
N LYS B 953 -27.24 20.90 -8.97
CA LYS B 953 -25.83 20.78 -8.61
C LYS B 953 -24.97 21.50 -9.63
N LYS B 954 -23.76 21.86 -9.22
CA LYS B 954 -22.80 22.53 -10.09
C LYS B 954 -23.38 23.82 -10.67
N PHE B 955 -24.11 24.56 -9.84
CA PHE B 955 -24.74 25.81 -10.28
C PHE B 955 -23.95 27.05 -9.88
N LYS B 956 -23.10 26.97 -8.85
CA LYS B 956 -22.32 28.09 -8.38
C LYS B 956 -20.87 27.95 -8.86
N THR B 957 -20.29 29.07 -9.28
CA THR B 957 -18.92 29.10 -9.79
C THR B 957 -18.15 30.23 -9.12
N ARG B 958 -16.86 29.99 -8.90
CA ARG B 958 -16.01 30.98 -8.26
C ARG B 958 -14.57 30.70 -8.68
N PRO B 959 -13.66 31.64 -8.44
CA PRO B 959 -12.26 31.42 -8.82
C PRO B 959 -11.68 30.18 -8.14
N HIS B 960 -10.75 29.53 -8.83
CA HIS B 960 -10.20 28.27 -8.35
C HIS B 960 -9.55 28.46 -6.98
N SER B 961 -9.77 27.48 -6.09
CA SER B 961 -9.20 27.56 -4.76
C SER B 961 -7.72 27.20 -4.74
N ARG B 962 -7.26 26.39 -5.68
CA ARG B 962 -5.86 26.01 -5.73
C ARG B 962 -5.03 27.20 -6.22
N PRO B 963 -4.02 27.65 -5.46
CA PRO B 963 -3.32 28.89 -5.85
C PRO B 963 -2.68 28.82 -7.22
N TRP B 964 -2.08 27.68 -7.59
CA TRP B 964 -1.42 27.60 -8.89
C TRP B 964 -2.43 27.61 -10.02
N ARG B 965 -3.58 26.94 -9.82
CA ARG B 965 -4.65 27.04 -10.81
C ARG B 965 -5.22 28.44 -10.85
N ARG B 966 -5.33 29.10 -9.70
CA ARG B 966 -5.91 30.44 -9.66
C ARG B 966 -5.06 31.42 -10.46
N ARG B 967 -3.74 31.35 -10.31
CA ARG B 967 -2.86 32.24 -11.09
C ARG B 967 -2.96 31.94 -12.58
N GLU B 968 -3.16 30.67 -12.95
CA GLU B 968 -3.33 30.31 -14.34
C GLU B 968 -4.62 30.84 -14.94
N GLY B 969 -5.54 31.35 -14.13
CA GLY B 969 -6.78 31.89 -14.61
C GLY B 969 -7.93 30.90 -14.69
N LYS B 970 -7.68 29.63 -14.41
CA LYS B 970 -8.74 28.63 -14.46
C LYS B 970 -9.77 28.88 -13.35
N ILE B 971 -11.01 28.49 -13.62
CA ILE B 971 -12.13 28.71 -12.72
C ILE B 971 -12.63 27.36 -12.23
N GLU B 972 -13.11 27.33 -10.99
CA GLU B 972 -13.58 26.12 -10.34
C GLU B 972 -15.09 26.21 -10.12
N LYS B 973 -15.76 25.08 -10.24
CA LYS B 973 -17.20 24.99 -10.00
C LYS B 973 -17.45 24.41 -8.62
N VAL B 974 -18.34 25.05 -7.87
CA VAL B 974 -18.64 24.58 -6.52
C VAL B 974 -19.28 23.21 -6.59
N HIS B 975 -18.74 22.27 -5.80
CA HIS B 975 -19.22 20.89 -5.78
C HIS B 975 -19.90 20.52 -4.48
N GLY B 976 -19.45 21.04 -3.35
CA GLY B 976 -20.03 20.69 -2.06
C GLY B 976 -21.32 21.39 -1.73
N LEU B 977 -21.80 22.27 -2.61
CA LEU B 977 -23.03 23.02 -2.39
C LEU B 977 -24.11 22.47 -3.32
N LEU B 978 -25.22 22.05 -2.73
CA LEU B 978 -26.39 21.58 -3.47
C LEU B 978 -27.60 22.43 -3.11
N GLY B 979 -28.63 22.33 -3.92
CA GLY B 979 -29.85 23.10 -3.70
C GLY B 979 -31.05 22.37 -4.23
N CYS B 980 -32.21 22.68 -3.64
CA CYS B 980 -33.48 22.09 -4.03
C CYS B 980 -34.44 23.19 -4.46
N THR B 981 -34.98 23.06 -5.67
CA THR B 981 -35.88 24.06 -6.24
C THR B 981 -37.35 23.73 -6.02
N ASN B 982 -37.65 22.62 -5.33
CA ASN B 982 -39.04 22.25 -5.11
C ASN B 982 -39.76 23.36 -4.34
N PRO B 983 -40.94 23.80 -4.79
CA PRO B 983 -41.59 24.94 -4.11
C PRO B 983 -41.79 24.72 -2.62
N ASN B 984 -42.12 23.50 -2.19
CA ASN B 984 -42.38 23.27 -0.78
C ASN B 984 -41.17 23.57 0.08
N CYS B 985 -39.97 23.35 -0.45
CA CYS B 985 -38.74 23.66 0.28
C CYS B 985 -38.38 25.13 0.22
N LEU B 986 -39.06 25.92 -0.62
CA LEU B 986 -38.74 27.32 -0.80
C LEU B 986 -39.53 28.20 0.17
N GLN B 987 -39.07 29.43 0.34
CA GLN B 987 -39.79 30.46 1.06
C GLN B 987 -39.82 31.73 0.23
N GLN B 988 -40.93 32.47 0.34
CA GLN B 988 -41.13 33.63 -0.52
C GLN B 988 -40.08 34.71 -0.30
N ALA B 989 -39.47 34.77 0.89
CA ALA B 989 -38.52 35.82 1.20
C ALA B 989 -37.20 35.64 0.48
N TRP B 990 -36.93 34.45 -0.08
CA TRP B 990 -35.64 34.17 -0.70
C TRP B 990 -35.58 34.75 -2.11
N THR B 991 -34.46 35.37 -2.44
CA THR B 991 -34.17 35.78 -3.81
C THR B 991 -33.35 34.74 -4.57
N SER B 992 -32.84 33.72 -3.88
CA SER B 992 -32.06 32.69 -4.55
C SER B 992 -32.95 31.72 -5.32
N GLY B 993 -34.12 31.39 -4.78
CA GLY B 993 -35.03 30.48 -5.43
C GLY B 993 -34.73 29.01 -5.21
N MET B 994 -33.81 28.68 -4.30
CA MET B 994 -33.46 27.29 -4.03
C MET B 994 -32.97 27.17 -2.60
N ARG B 995 -33.36 26.08 -1.94
CA ARG B 995 -32.95 25.82 -0.57
C ARG B 995 -31.57 25.17 -0.59
N TYR B 996 -30.55 25.93 -0.21
CA TYR B 996 -29.18 25.44 -0.29
C TYR B 996 -28.94 24.31 0.71
N TRP B 997 -28.15 23.32 0.29
CA TRP B 997 -27.78 22.18 1.12
C TRP B 997 -26.30 21.90 0.93
N ASN B 998 -25.63 21.54 2.02
CA ASN B 998 -24.26 21.06 1.95
C ASN B 998 -24.24 19.61 1.51
N ARG B 999 -23.30 19.28 0.62
CA ARG B 999 -23.25 17.93 0.07
C ARG B 999 -23.08 16.89 1.17
N ASP B 1000 -22.10 17.09 2.05
CA ASP B 1000 -21.86 16.13 3.12
C ASP B 1000 -23.04 16.07 4.08
N MET B 1001 -23.58 17.24 4.45
CA MET B 1001 -24.73 17.26 5.35
C MET B 1001 -25.94 16.59 4.69
N LEU B 1002 -26.18 16.89 3.41
CA LEU B 1002 -27.30 16.29 2.70
C LEU B 1002 -27.17 14.77 2.64
N SER B 1003 -25.96 14.27 2.36
CA SER B 1003 -25.75 12.84 2.29
C SER B 1003 -26.04 12.17 3.64
N THR B 1004 -25.55 12.76 4.73
CA THR B 1004 -25.75 12.16 6.04
C THR B 1004 -27.24 12.11 6.40
N CYS B 1005 -27.97 13.18 6.09
CA CYS B 1005 -29.41 13.20 6.39
C CYS B 1005 -30.13 12.09 5.65
N ASN B 1006 -29.79 11.88 4.37
CA ASN B 1006 -30.41 10.81 3.60
C ASN B 1006 -30.08 9.45 4.19
N MET B 1007 -28.84 9.27 4.65
CA MET B 1007 -28.46 8.00 5.25
C MET B 1007 -29.31 7.70 6.48
N LEU B 1008 -29.57 8.72 7.31
CA LEU B 1008 -30.42 8.52 8.48
C LEU B 1008 -31.82 8.07 8.06
N LEU B 1009 -32.36 8.66 7.00
CA LEU B 1009 -33.66 8.23 6.49
C LEU B 1009 -33.60 6.77 6.04
N ILE B 1010 -32.53 6.38 5.35
CA ILE B 1010 -32.39 5.00 4.91
C ILE B 1010 -32.30 4.07 6.12
N VAL B 1011 -31.47 4.43 7.10
CA VAL B 1011 -31.33 3.60 8.29
C VAL B 1011 -32.64 3.54 9.04
N ARG B 1012 -33.33 4.67 9.18
CA ARG B 1012 -34.59 4.69 9.92
C ARG B 1012 -35.62 3.76 9.28
N SER B 1013 -35.72 3.79 7.95
CA SER B 1013 -36.67 2.92 7.27
C SER B 1013 -36.28 1.45 7.44
N MET B 1014 -34.99 1.13 7.32
CA MET B 1014 -34.57 -0.25 7.46
C MET B 1014 -34.80 -0.77 8.87
N LEU B 1015 -34.53 0.05 9.88
CA LEU B 1015 -34.76 -0.37 11.25
C LEU B 1015 -36.24 -0.65 11.49
N ASP B 1016 -37.12 0.20 10.95
CA ASP B 1016 -38.56 0.00 11.10
C ASP B 1016 -39.06 -1.22 10.33
N GLY B 1017 -38.25 -1.81 9.47
CA GLY B 1017 -38.65 -2.96 8.70
C GLY B 1017 -39.21 -2.66 7.33
N HIS B 1018 -39.24 -1.39 6.92
CA HIS B 1018 -39.74 -1.02 5.60
C HIS B 1018 -38.68 -1.12 4.51
N GLY B 1019 -37.44 -1.46 4.87
CA GLY B 1019 -36.39 -1.58 3.89
C GLY B 1019 -35.89 -0.24 3.41
N ARG B 1020 -35.01 -0.30 2.41
CA ARG B 1020 -34.45 0.91 1.84
C ARG B 1020 -35.55 1.71 1.14
N PRO B 1021 -35.59 3.04 1.31
CA PRO B 1021 -36.62 3.83 0.62
C PRO B 1021 -36.54 3.66 -0.89
N GLU B 1022 -37.71 3.66 -1.53
CA GLU B 1022 -37.77 3.46 -2.97
C GLU B 1022 -37.00 4.54 -3.72
N VAL B 1023 -36.89 5.74 -3.15
CA VAL B 1023 -36.19 6.82 -3.84
C VAL B 1023 -34.73 6.47 -4.03
N PHE B 1024 -34.12 5.79 -3.05
CA PHE B 1024 -32.73 5.38 -3.13
C PHE B 1024 -32.56 4.00 -3.76
N SER B 1025 -33.65 3.35 -4.15
CA SER B 1025 -33.54 2.01 -4.72
C SER B 1025 -32.79 2.05 -6.04
N ARG B 1026 -31.96 1.04 -6.27
CA ARG B 1026 -31.18 0.94 -7.50
C ARG B 1026 -32.01 0.50 -8.70
N SER B 1027 -33.16 -0.11 -8.47
CA SER B 1027 -34.27 -0.71 -9.21
C SER B 1027 -34.90 0.31 -10.16
#